data_7G1K
#
_entry.id   7G1K
#
_cell.length_a   32.391
_cell.length_b   53.685
_cell.length_c   75.026
_cell.angle_alpha   90.000
_cell.angle_beta   90.000
_cell.angle_gamma   90.000
#
_symmetry.space_group_name_H-M   'P 21 21 21'
#
loop_
_entity.id
_entity.type
_entity.pdbx_description
1 polymer 'Fatty acid-binding protein, adipocyte'
2 non-polymer '4-[(4-fluorophenyl)sulfanyl]-6-methyl-2-phenylpyrimidine-5-carboxylic acid'
3 non-polymer 'SULFATE ION'
4 non-polymer 'FORMIC ACID'
5 non-polymer 'DIMETHYL SULFOXIDE'
6 water water
#
_entity_poly.entity_id   1
_entity_poly.type   'polypeptide(L)'
_entity_poly.pdbx_seq_one_letter_code
;GSHMCDAFVGTWKLVSSENFDDYMKEVGVGFATRKVAGMAKPNMIISVNGDVITIKSESTFKNTEISFILGQEFDEVTAD
DRKVKSTITLDGGVLVHVQKWDGKSTTIKRKREDDKLVVECVMKGVTSTRVYERA
;
_entity_poly.pdbx_strand_id   A
#
loop_
_chem_comp.id
_chem_comp.type
_chem_comp.name
_chem_comp.formula
DMS non-polymer 'DIMETHYL SULFOXIDE' 'C2 H6 O S'
FMT non-polymer 'FORMIC ACID' 'C H2 O2'
SO4 non-polymer 'SULFATE ION' 'O4 S -2'
WOI non-polymer '4-[(4-fluorophenyl)sulfanyl]-6-methyl-2-phenylpyrimidine-5-carboxylic acid' 'C18 H13 F N2 O2 S'
#
# COMPACT_ATOMS: atom_id res chain seq x y z
N HIS A 3 -0.21 -16.53 -13.07
CA HIS A 3 0.94 -15.62 -13.39
C HIS A 3 0.56 -14.16 -13.31
N MET A 4 -0.66 -13.89 -12.78
N MET A 4 -0.65 -14.01 -12.75
CA MET A 4 -1.28 -12.48 -12.76
CA MET A 4 -1.21 -12.75 -12.34
C MET A 4 -0.49 -11.34 -12.09
C MET A 4 -0.38 -12.15 -11.22
N CYS A 5 0.19 -11.69 -11.03
N CYS A 5 0.29 -11.08 -11.59
CA CYS A 5 1.01 -10.75 -10.37
CA CYS A 5 1.07 -10.39 -10.62
C CYS A 5 2.43 -11.09 -10.38
C CYS A 5 2.44 -10.98 -10.46
N ASP A 6 2.90 -11.85 -11.37
CA ASP A 6 4.27 -12.39 -11.26
C ASP A 6 5.31 -11.39 -11.00
N ALA A 7 5.19 -10.26 -11.65
CA ALA A 7 6.24 -9.21 -11.58
C ALA A 7 6.19 -8.46 -10.26
N PHE A 8 5.12 -8.56 -9.46
CA PHE A 8 5.07 -7.98 -8.13
C PHE A 8 5.65 -8.89 -7.05
N VAL A 9 5.70 -10.21 -7.28
CA VAL A 9 6.07 -11.13 -6.24
CA VAL A 9 6.04 -11.08 -6.16
C VAL A 9 7.51 -10.89 -5.82
N GLY A 10 7.77 -11.00 -4.53
CA GLY A 10 9.10 -10.89 -4.03
C GLY A 10 9.16 -10.12 -2.73
N THR A 11 10.38 -9.77 -2.35
CA THR A 11 10.66 -9.01 -1.13
C THR A 11 11.26 -7.70 -1.55
N TRP A 12 10.67 -6.62 -1.08
CA TRP A 12 10.95 -5.28 -1.53
C TRP A 12 11.27 -4.41 -0.31
N LYS A 13 12.14 -3.43 -0.48
CA LYS A 13 12.51 -2.51 0.60
CA LYS A 13 12.50 -2.52 0.60
C LYS A 13 12.25 -1.10 0.16
N LEU A 14 11.69 -0.27 1.05
CA LEU A 14 11.46 1.14 0.74
C LEU A 14 12.78 1.84 0.55
N VAL A 15 12.93 2.57 -0.58
CA VAL A 15 14.10 3.37 -0.85
C VAL A 15 13.84 4.85 -0.94
N SER A 16 12.63 5.31 -1.20
CA SER A 16 12.36 6.75 -1.18
C SER A 16 10.90 6.98 -0.89
N SER A 17 10.60 8.15 -0.35
CA SER A 17 9.27 8.57 -0.12
C SER A 17 9.16 10.07 -0.36
N GLU A 18 8.00 10.48 -0.89
CA GLU A 18 7.71 11.88 -1.07
C GLU A 18 6.29 12.15 -0.61
N ASN A 19 6.15 13.21 0.16
CA ASN A 19 4.87 13.78 0.62
CA ASN A 19 4.82 13.74 0.59
C ASN A 19 4.05 12.84 1.46
N PHE A 20 4.70 11.86 2.12
CA PHE A 20 3.95 10.91 2.95
C PHE A 20 3.38 11.55 4.18
N ASP A 21 4.06 12.50 4.81
CA ASP A 21 3.48 13.15 5.97
C ASP A 21 2.17 13.84 5.61
N ASP A 22 2.17 14.58 4.51
CA ASP A 22 0.94 15.24 4.07
C ASP A 22 -0.17 14.28 3.70
N TYR A 23 0.17 13.17 3.10
CA TYR A 23 -0.83 12.13 2.79
C TYR A 23 -1.44 11.64 4.13
N MET A 24 -0.60 11.32 5.08
CA MET A 24 -1.11 10.86 6.36
C MET A 24 -1.93 11.91 7.08
N LYS A 25 -1.57 13.20 6.98
CA LYS A 25 -2.40 14.23 7.58
C LYS A 25 -3.77 14.19 6.96
N GLU A 26 -3.87 14.07 5.63
CA GLU A 26 -5.14 14.09 4.94
CA GLU A 26 -5.18 14.04 4.97
C GLU A 26 -5.98 12.87 5.36
N VAL A 27 -5.34 11.72 5.56
CA VAL A 27 -6.00 10.54 6.02
C VAL A 27 -6.62 10.71 7.41
N GLY A 28 -6.03 11.55 8.22
CA GLY A 28 -6.46 11.79 9.57
C GLY A 28 -5.54 11.22 10.62
N VAL A 29 -4.32 10.87 10.26
CA VAL A 29 -3.38 10.28 11.20
C VAL A 29 -2.89 11.35 12.17
N GLY A 30 -2.83 11.00 13.45
CA GLY A 30 -2.36 11.90 14.47
C GLY A 30 -0.84 12.10 14.44
N PHE A 31 -0.42 13.14 15.15
CA PHE A 31 0.94 13.60 15.15
C PHE A 31 1.93 12.47 15.45
N ALA A 32 1.75 11.81 16.60
CA ALA A 32 2.79 10.83 17.01
C ALA A 32 2.90 9.69 16.05
N THR A 33 1.77 9.17 15.58
CA THR A 33 1.81 8.10 14.60
C THR A 33 2.42 8.60 13.32
N ARG A 34 2.11 9.83 12.86
CA ARG A 34 2.77 10.29 11.65
C ARG A 34 4.27 10.32 11.80
N LYS A 35 4.78 10.80 12.93
CA LYS A 35 6.20 10.92 13.09
C LYS A 35 6.86 9.56 13.06
N VAL A 36 6.34 8.61 13.80
CA VAL A 36 6.98 7.30 13.92
C VAL A 36 6.77 6.49 12.64
N ALA A 37 5.59 6.54 12.08
CA ALA A 37 5.36 5.83 10.82
C ALA A 37 6.13 6.41 9.68
N GLY A 38 6.34 7.72 9.68
CA GLY A 38 7.08 8.34 8.65
C GLY A 38 8.57 7.98 8.62
N MET A 39 9.11 7.64 9.79
CA MET A 39 10.49 7.15 9.90
C MET A 39 10.70 5.76 9.33
N ALA A 40 9.65 4.94 9.28
CA ALA A 40 9.80 3.53 8.99
C ALA A 40 10.34 3.32 7.57
N LYS A 41 11.09 2.27 7.46
CA LYS A 41 11.64 1.78 6.19
C LYS A 41 11.14 0.37 5.99
N PRO A 42 9.89 0.22 5.59
CA PRO A 42 9.28 -1.11 5.60
C PRO A 42 9.86 -2.03 4.50
N ASN A 43 9.79 -3.31 4.79
CA ASN A 43 9.97 -4.47 3.86
CA ASN A 43 9.89 -4.26 3.72
C ASN A 43 8.55 -4.83 3.41
N MET A 44 8.26 -4.93 2.12
CA MET A 44 7.00 -5.41 1.61
C MET A 44 7.25 -6.79 0.98
N ILE A 45 6.50 -7.79 1.37
CA ILE A 45 6.68 -9.14 0.86
C ILE A 45 5.37 -9.51 0.19
N ILE A 46 5.45 -9.74 -1.11
CA ILE A 46 4.28 -10.03 -1.92
C ILE A 46 4.40 -11.45 -2.43
N SER A 47 3.34 -12.24 -2.23
CA SER A 47 3.32 -13.62 -2.71
C SER A 47 1.94 -13.95 -3.26
N VAL A 48 1.88 -15.00 -4.06
CA VAL A 48 0.66 -15.45 -4.65
C VAL A 48 0.57 -16.95 -4.51
N ASN A 49 -0.58 -17.46 -4.11
CA ASN A 49 -0.84 -18.89 -4.00
C ASN A 49 -2.24 -19.11 -4.59
N GLY A 50 -2.30 -19.64 -5.78
CA GLY A 50 -3.59 -19.76 -6.47
C GLY A 50 -4.14 -18.38 -6.75
N ASP A 51 -5.39 -18.15 -6.36
CA ASP A 51 -6.02 -16.84 -6.53
C ASP A 51 -5.75 -15.92 -5.37
N VAL A 52 -5.05 -16.34 -4.32
CA VAL A 52 -4.88 -15.52 -3.15
C VAL A 52 -3.56 -14.81 -3.20
N ILE A 53 -3.62 -13.48 -3.12
CA ILE A 53 -2.47 -12.62 -3.07
C ILE A 53 -2.27 -12.23 -1.61
N THR A 54 -1.03 -12.26 -1.13
CA THR A 54 -0.68 -11.79 0.21
C THR A 54 0.35 -10.70 0.09
N ILE A 55 0.09 -9.58 0.79
CA ILE A 55 1.01 -8.49 0.94
C ILE A 55 1.30 -8.29 2.40
N LYS A 56 2.53 -8.51 2.80
CA LYS A 56 2.99 -8.28 4.18
C LYS A 56 3.86 -7.07 4.19
N SER A 57 3.74 -6.27 5.22
CA SER A 57 4.67 -5.17 5.43
C SER A 57 5.27 -5.32 6.80
N GLU A 58 6.58 -5.35 6.86
CA GLU A 58 7.30 -5.51 8.14
C GLU A 58 8.08 -4.22 8.40
N SER A 59 7.97 -3.67 9.59
CA SER A 59 8.71 -2.45 9.92
C SER A 59 8.94 -2.43 11.40
N THR A 60 9.75 -1.47 11.80
CA THR A 60 9.99 -1.25 13.22
C THR A 60 8.75 -0.75 13.95
N PHE A 61 7.80 -0.15 13.25
CA PHE A 61 6.65 0.43 13.92
C PHE A 61 5.54 -0.59 14.02
N LYS A 62 5.06 -1.04 12.89
CA LYS A 62 4.02 -2.03 12.87
C LYS A 62 4.27 -2.97 11.72
N ASN A 63 3.85 -4.21 11.90
CA ASN A 63 3.74 -5.20 10.84
C ASN A 63 2.30 -5.36 10.43
N THR A 64 2.04 -5.44 9.13
CA THR A 64 0.70 -5.56 8.59
C THR A 64 0.71 -6.75 7.63
N GLU A 65 -0.46 -7.31 7.39
CA GLU A 65 -0.60 -8.39 6.44
C GLU A 65 -2.01 -8.39 5.92
N ILE A 66 -2.14 -8.47 4.61
CA ILE A 66 -3.43 -8.68 3.96
C ILE A 66 -3.31 -9.82 3.00
N SER A 67 -4.37 -10.64 2.95
CA SER A 67 -4.55 -11.66 1.93
C SER A 67 -5.88 -11.44 1.28
N PHE A 68 -5.97 -11.57 -0.03
CA PHE A 68 -7.19 -11.18 -0.71
C PHE A 68 -7.22 -11.86 -2.09
N ILE A 69 -8.43 -11.85 -2.64
CA ILE A 69 -8.71 -12.22 -4.00
C ILE A 69 -9.10 -10.98 -4.75
N LEU A 70 -8.58 -10.80 -5.96
CA LEU A 70 -8.89 -9.62 -6.73
C LEU A 70 -10.38 -9.45 -6.93
N GLY A 71 -10.86 -8.24 -6.68
CA GLY A 71 -12.26 -7.89 -6.86
C GLY A 71 -13.17 -8.23 -5.71
N GLN A 72 -12.65 -8.83 -4.64
CA GLN A 72 -13.46 -9.35 -3.53
C GLN A 72 -13.14 -8.59 -2.25
N GLU A 73 -14.08 -7.80 -1.80
CA GLU A 73 -13.89 -6.89 -0.65
C GLU A 73 -13.52 -7.67 0.61
N PHE A 74 -12.70 -7.04 1.43
CA PHE A 74 -12.24 -7.64 2.70
C PHE A 74 -12.05 -6.54 3.72
N ASP A 75 -11.88 -7.04 4.96
N ASP A 75 -12.28 -6.77 5.01
CA ASP A 75 -11.50 -6.24 6.12
CA ASP A 75 -12.01 -5.71 6.02
C ASP A 75 -10.03 -6.10 6.25
C ASP A 75 -10.49 -5.90 6.45
N GLU A 76 -9.60 -4.86 6.51
CA GLU A 76 -8.12 -4.62 6.65
C GLU A 76 -7.98 -3.76 7.90
N VAL A 77 -6.90 -3.98 8.65
CA VAL A 77 -6.43 -3.11 9.71
C VAL A 77 -5.12 -2.47 9.22
N THR A 78 -5.15 -1.14 9.11
CA THR A 78 -4.04 -0.43 8.54
C THR A 78 -2.93 -0.20 9.61
N ALA A 79 -1.77 0.27 9.14
CA ALA A 79 -0.60 0.45 10.06
C ALA A 79 -1.01 1.43 11.21
N ASP A 80 -1.84 2.44 10.89
CA ASP A 80 -2.34 3.46 11.78
C ASP A 80 -3.61 3.05 12.49
N ASP A 81 -4.01 1.79 12.37
CA ASP A 81 -5.05 1.18 13.13
C ASP A 81 -6.44 1.66 12.68
N ARG A 82 -6.59 2.08 11.44
CA ARG A 82 -7.95 2.24 10.86
C ARG A 82 -8.51 0.85 10.53
N LYS A 83 -9.82 0.69 10.71
CA LYS A 83 -10.56 -0.49 10.32
C LYS A 83 -11.27 -0.14 9.01
N VAL A 84 -10.77 -0.68 7.92
CA VAL A 84 -11.26 -0.25 6.62
C VAL A 84 -11.85 -1.46 5.84
N LYS A 85 -12.67 -1.11 4.86
CA LYS A 85 -13.16 -2.11 3.92
CA LYS A 85 -13.17 -2.09 3.90
C LYS A 85 -12.45 -1.85 2.59
N SER A 86 -11.74 -2.85 2.12
CA SER A 86 -10.81 -2.74 1.02
C SER A 86 -11.21 -3.61 -0.14
N THR A 87 -10.95 -3.13 -1.35
CA THR A 87 -11.08 -3.94 -2.55
C THR A 87 -9.87 -3.64 -3.40
N ILE A 88 -9.24 -4.70 -3.91
CA ILE A 88 -8.04 -4.60 -4.73
C ILE A 88 -8.34 -5.29 -6.08
N THR A 89 -8.05 -4.57 -7.14
CA THR A 89 -8.23 -5.05 -8.50
C THR A 89 -6.94 -4.84 -9.28
N LEU A 90 -6.85 -5.48 -10.44
CA LEU A 90 -5.76 -5.27 -11.38
CA LEU A 90 -5.80 -5.18 -11.46
C LEU A 90 -6.38 -4.40 -12.55
N ASP A 91 -5.80 -3.29 -12.89
CA ASP A 91 -6.32 -2.43 -13.99
C ASP A 91 -5.14 -2.16 -14.85
N GLY A 92 -5.10 -2.77 -16.03
CA GLY A 92 -4.00 -2.52 -16.88
C GLY A 92 -2.62 -2.75 -16.27
N GLY A 93 -2.53 -3.83 -15.56
CA GLY A 93 -1.22 -4.18 -14.93
C GLY A 93 -0.85 -3.44 -13.63
N VAL A 94 -1.72 -2.56 -13.15
CA VAL A 94 -1.59 -1.79 -11.90
C VAL A 94 -2.51 -2.39 -10.87
N LEU A 95 -1.98 -2.67 -9.70
CA LEU A 95 -2.82 -3.09 -8.58
C LEU A 95 -3.46 -1.83 -7.99
N VAL A 96 -4.78 -1.79 -7.94
CA VAL A 96 -5.52 -0.63 -7.42
C VAL A 96 -6.25 -1.07 -6.18
N HIS A 97 -5.91 -0.40 -5.07
CA HIS A 97 -6.39 -0.78 -3.72
C HIS A 97 -7.17 0.40 -3.14
N VAL A 98 -8.48 0.22 -2.97
CA VAL A 98 -9.33 1.25 -2.41
C VAL A 98 -9.71 0.85 -1.03
N GLN A 99 -9.53 1.77 -0.07
CA GLN A 99 -9.89 1.61 1.32
C GLN A 99 -11.01 2.58 1.67
N LYS A 100 -12.08 2.05 2.28
CA LYS A 100 -13.22 2.83 2.68
C LYS A 100 -13.40 2.73 4.19
N TRP A 101 -13.61 3.88 4.84
CA TRP A 101 -13.87 3.94 6.30
C TRP A 101 -14.45 5.25 6.64
N ASP A 102 -15.46 5.24 7.54
CA ASP A 102 -15.98 6.49 8.10
C ASP A 102 -16.42 7.48 7.02
N GLY A 103 -16.95 6.99 5.90
CA GLY A 103 -17.36 7.83 4.79
C GLY A 103 -16.23 8.43 3.96
N LYS A 104 -14.99 8.02 4.25
CA LYS A 104 -13.80 8.46 3.56
C LYS A 104 -13.29 7.36 2.60
N SER A 105 -12.39 7.72 1.72
CA SER A 105 -11.78 6.78 0.78
C SER A 105 -10.38 7.23 0.43
N THR A 106 -9.47 6.28 0.32
CA THR A 106 -8.14 6.48 -0.21
C THR A 106 -7.83 5.37 -1.21
N THR A 107 -7.05 5.72 -2.23
CA THR A 107 -6.63 4.76 -3.25
C THR A 107 -5.12 4.66 -3.31
N ILE A 108 -4.66 3.42 -3.28
CA ILE A 108 -3.24 3.09 -3.33
C ILE A 108 -3.02 2.30 -4.61
N LYS A 109 -2.17 2.80 -5.49
CA LYS A 109 -1.80 2.11 -6.73
C LYS A 109 -0.39 1.60 -6.63
N ARG A 110 -0.18 0.36 -7.09
CA ARG A 110 1.15 -0.27 -7.05
C ARG A 110 1.45 -0.73 -8.47
N LYS A 111 2.62 -0.35 -8.96
CA LYS A 111 3.02 -0.58 -10.36
C LYS A 111 4.48 -0.98 -10.40
N ARG A 112 4.83 -1.84 -11.33
CA ARG A 112 6.21 -2.11 -11.66
C ARG A 112 6.72 -1.14 -12.68
N GLU A 113 7.84 -0.48 -12.40
N GLU A 113 7.82 -0.49 -12.37
CA GLU A 113 8.43 0.52 -13.29
CA GLU A 113 8.44 0.47 -13.26
C GLU A 113 9.94 0.27 -13.24
C GLU A 113 9.95 0.24 -13.23
N ASP A 114 10.53 -0.19 -14.36
CA ASP A 114 11.90 -0.61 -14.37
C ASP A 114 12.09 -1.67 -13.29
N ASP A 115 13.13 -1.59 -12.42
CA ASP A 115 13.35 -2.56 -11.38
C ASP A 115 12.68 -2.18 -10.08
N LYS A 116 11.79 -1.20 -10.08
CA LYS A 116 11.17 -0.72 -8.89
C LYS A 116 9.70 -1.12 -8.84
N LEU A 117 9.18 -1.06 -7.61
CA LEU A 117 7.77 -1.12 -7.35
C LEU A 117 7.39 0.23 -6.81
N VAL A 118 6.55 0.95 -7.54
CA VAL A 118 6.17 2.32 -7.23
C VAL A 118 4.79 2.32 -6.65
N VAL A 119 4.62 2.93 -5.48
CA VAL A 119 3.36 2.97 -4.73
C VAL A 119 2.89 4.42 -4.71
N GLU A 120 1.73 4.69 -5.26
CA GLU A 120 1.15 6.03 -5.26
C GLU A 120 -0.09 5.98 -4.40
N CYS A 121 -0.15 6.82 -3.39
CA CYS A 121 -1.19 6.84 -2.34
CA CYS A 121 -1.33 6.81 -2.53
C CYS A 121 -1.91 8.18 -2.52
N VAL A 122 -3.24 8.19 -2.68
CA VAL A 122 -3.98 9.42 -2.88
C VAL A 122 -5.10 9.55 -1.87
N MET A 123 -5.18 10.70 -1.22
CA MET A 123 -6.26 11.05 -0.22
CA MET A 123 -6.40 11.05 -0.54
C MET A 123 -6.69 12.51 -0.60
N LYS A 124 -7.86 12.56 -1.24
N LYS A 124 -7.96 12.83 -0.77
CA LYS A 124 -8.40 13.73 -1.89
CA LYS A 124 -8.43 14.25 -0.87
C LYS A 124 -7.42 14.29 -2.86
C LYS A 124 -7.44 15.15 -1.66
N GLY A 125 -6.95 15.51 -2.64
N GLY A 125 -6.98 14.64 -2.79
CA GLY A 125 -5.97 16.10 -3.56
CA GLY A 125 -6.09 15.37 -3.69
C GLY A 125 -4.52 15.72 -3.26
C GLY A 125 -4.62 15.54 -3.32
N VAL A 126 -4.23 14.92 -2.23
CA VAL A 126 -2.84 14.73 -1.88
C VAL A 126 -2.31 13.37 -2.28
N THR A 127 -1.17 13.34 -3.01
CA THR A 127 -0.50 12.10 -3.46
C THR A 127 0.83 11.98 -2.71
N SER A 128 1.12 10.81 -2.28
CA SER A 128 2.45 10.43 -1.87
C SER A 128 2.95 9.33 -2.79
N THR A 129 4.25 9.41 -3.11
CA THR A 129 4.90 8.41 -3.92
C THR A 129 5.99 7.75 -3.13
N ARG A 130 5.92 6.41 -3.04
CA ARG A 130 6.84 5.59 -2.27
C ARG A 130 7.45 4.60 -3.21
N VAL A 131 8.77 4.52 -3.27
CA VAL A 131 9.48 3.67 -4.19
C VAL A 131 10.17 2.55 -3.44
N TYR A 132 9.97 1.33 -3.88
CA TYR A 132 10.58 0.12 -3.33
C TYR A 132 11.48 -0.51 -4.38
N GLU A 133 12.60 -1.09 -3.92
CA GLU A 133 13.49 -1.86 -4.74
CA GLU A 133 13.43 -1.89 -4.80
C GLU A 133 13.58 -3.25 -4.17
N ARG A 134 14.09 -4.22 -4.95
CA ARG A 134 14.18 -5.59 -4.47
C ARG A 134 15.14 -5.63 -3.33
N ALA A 135 14.80 -6.43 -2.33
CA ALA A 135 15.62 -6.54 -1.13
C ALA A 135 16.76 -7.47 -1.33
C10 WOI B . 0.36 2.79 1.27
C10 WOI B . 0.48 3.51 1.16
O12 WOI B . 2.71 0.77 1.05
O12 WOI B . 2.17 0.85 1.06
C13 WOI B . 0.26 4.13 5.94
C13 WOI B . 0.13 4.23 5.89
C15 WOI B . 4.70 2.56 6.89
C15 WOI B . 4.50 2.65 6.51
C16 WOI B . -0.91 4.84 5.81
C16 WOI B . -0.85 5.13 5.57
C17 WOI B . 0.94 4.19 7.19
C17 WOI B . 0.60 4.11 7.21
C18 WOI B . 4.15 0.18 8.23
C18 WOI B . 4.51 0.64 8.38
C19 WOI B . 4.81 2.48 8.28
C19 WOI B . 4.91 2.95 7.78
C20 WOI B . -1.45 5.52 6.88
C20 WOI B . -1.50 5.82 6.56
C21 WOI B . 0.44 4.93 8.26
C21 WOI B . -0.09 4.81 8.20
C22 WOI B . 4.50 1.31 8.94
C22 WOI B . 4.90 1.93 8.71
C23 WOI B . -0.76 5.56 8.09
C23 WOI B . -1.13 5.67 7.86
F24 WOI B . 4.61 1.19 10.26
F24 WOI B . 5.26 2.19 9.93
C14 WOI B . 4.07 0.25 6.83
C14 WOI B . 4.13 0.33 7.08
C8 WOI B . 4.33 1.43 6.15
C8 WOI B . 4.11 1.35 6.14
S4 WOI B . 4.28 1.41 4.41
S4 WOI B . 3.67 1.02 4.51
C1 WOI B . 2.83 2.25 4.08
C1 WOI B . 2.45 2.13 4.14
N3 WOI B . 2.13 2.84 5.08
N3 WOI B . 1.83 2.76 5.15
C7 WOI B . 0.92 3.42 4.85
C7 WOI B . 0.80 3.58 4.86
N9 WOI B . 0.34 3.40 3.62
N9 WOI B . 0.40 3.81 3.60
C5 WOI B . 1.04 2.80 2.62
C5 WOI B . 0.99 3.21 2.56
C2 WOI B . 2.32 2.22 2.81
C2 WOI B . 2.05 2.36 2.83
C6 WOI B . 3.14 1.60 1.73
C6 WOI B . 2.78 1.67 1.71
O11 WOI B . 4.31 2.23 1.49
O11 WOI B . 3.99 2.04 1.48
S SO4 C . 8.00 11.89 3.47
O1 SO4 C . 7.58 11.26 2.30
O2 SO4 C . 8.53 10.76 4.36
O3 SO4 C . 9.08 12.89 3.20
O4 SO4 C . 6.95 12.73 4.27
S SO4 D . 12.57 -8.46 -12.49
O1 SO4 D . 12.81 -7.08 -13.03
O2 SO4 D . 13.09 -9.42 -13.44
O3 SO4 D . 11.16 -8.75 -12.16
O4 SO4 D . 13.34 -8.52 -11.20
C FMT E . -10.23 8.29 -3.32
O1 FMT E . -10.21 6.79 -2.98
O2 FMT E . -8.67 8.81 -3.34
S DMS F . -0.90 -2.79 12.79
O DMS F . -0.39 -3.70 13.93
C1 DMS F . -1.96 -3.71 11.78
C2 DMS F . -2.08 -1.72 13.46
#